data_5GH9
#
_entry.id   5GH9
#
_cell.length_a   42.826
_cell.length_b   45.832
_cell.length_c   66.038
_cell.angle_alpha   90.00
_cell.angle_beta   90.00
_cell.angle_gamma   90.00
#
_symmetry.space_group_name_H-M   'P 21 21 21'
#
loop_
_entity.id
_entity.type
_entity.pdbx_description
1 polymer 'CREB-binding protein'
2 polymer 'Histone H3'
3 water water
#
loop_
_entity_poly.entity_id
_entity_poly.type
_entity_poly.pdbx_seq_one_letter_code
_entity_poly.pdbx_strand_id
1 'polypeptide(L)'
;HMRKKIFKPEELRQALMPTLEALYRQDPESLPFRQPVDPQLLGIPDYFDIVKNPMDLSTIKRKLDTGQYQEPWQYVDDVW
LMFNNAWLYNRKTSRVYKFCSKLAEVFEQEIDPVMQSL
;
A
2 'polypeptide(L)' GTVALREIRRYQ(ALY)S B
#
# COMPACT_ATOMS: atom_id res chain seq x y z
N ILE A 6 7.96 -23.08 -4.32
CA ILE A 6 6.84 -22.80 -5.22
C ILE A 6 5.59 -22.43 -4.43
N PHE A 7 5.00 -21.27 -4.74
CA PHE A 7 3.77 -20.82 -4.13
C PHE A 7 2.69 -20.72 -5.20
N LYS A 8 1.62 -21.49 -5.05
CA LYS A 8 0.50 -21.38 -5.97
C LYS A 8 -0.26 -20.08 -5.71
N PRO A 9 -0.87 -19.49 -6.74
CA PRO A 9 -1.60 -18.22 -6.53
C PRO A 9 -2.63 -18.31 -5.42
N GLU A 10 -3.34 -19.43 -5.33
CA GLU A 10 -4.38 -19.55 -4.31
C GLU A 10 -3.80 -19.71 -2.92
N GLU A 11 -2.57 -20.22 -2.82
CA GLU A 11 -1.90 -20.25 -1.52
C GLU A 11 -1.50 -18.85 -1.09
N LEU A 12 -1.07 -18.02 -2.05
CA LEU A 12 -0.72 -16.63 -1.74
C LEU A 12 -1.95 -15.81 -1.39
N ARG A 13 -3.07 -16.00 -2.10
CA ARG A 13 -4.29 -15.31 -1.70
C ARG A 13 -4.67 -15.68 -0.27
N GLN A 14 -4.64 -16.97 0.04
CA GLN A 14 -5.03 -17.41 1.38
C GLN A 14 -4.13 -16.81 2.45
N ALA A 15 -2.81 -16.83 2.23
CA ALA A 15 -1.90 -16.39 3.27
C ALA A 15 -1.84 -14.87 3.37
N LEU A 16 -1.91 -14.17 2.24
CA LEU A 16 -1.62 -12.74 2.20
C LEU A 16 -2.86 -11.85 2.22
N MET A 17 -4.00 -12.33 1.71
CA MET A 17 -5.20 -11.49 1.73
C MET A 17 -5.56 -10.98 3.13
N PRO A 18 -5.45 -11.77 4.20
CA PRO A 18 -5.72 -11.20 5.54
C PRO A 18 -4.87 -10.00 5.89
N THR A 19 -3.62 -9.94 5.41
CA THR A 19 -2.78 -8.78 5.72
C THR A 19 -3.24 -7.54 4.96
N LEU A 20 -3.80 -7.74 3.76
CA LEU A 20 -4.35 -6.62 3.01
C LEU A 20 -5.69 -6.18 3.60
N GLU A 21 -6.52 -7.15 4.01
CA GLU A 21 -7.80 -6.80 4.63
C GLU A 21 -7.59 -6.02 5.90
N ALA A 22 -6.53 -6.33 6.66
CA ALA A 22 -6.24 -5.58 7.88
C ALA A 22 -5.99 -4.10 7.59
N LEU A 23 -5.40 -3.79 6.43
CA LEU A 23 -5.21 -2.39 6.04
C LEU A 23 -6.53 -1.74 5.69
N TYR A 24 -7.35 -2.43 4.87
CA TYR A 24 -8.66 -1.88 4.52
C TYR A 24 -9.51 -1.62 5.75
N ARG A 25 -9.35 -2.43 6.80
CA ARG A 25 -10.15 -2.26 8.00
C ARG A 25 -9.80 -1.01 8.78
N GLN A 26 -8.67 -0.35 8.51
CA GLN A 26 -8.34 0.88 9.21
C GLN A 26 -9.12 2.04 8.57
N ASP A 27 -10.01 2.64 9.34
CA ASP A 27 -10.86 3.73 8.87
C ASP A 27 -10.78 4.79 9.95
N PRO A 28 -10.33 6.01 9.60
CA PRO A 28 -10.12 6.55 8.25
C PRO A 28 -8.74 6.34 7.63
N GLU A 29 -7.83 5.64 8.31
CA GLU A 29 -6.43 5.69 7.90
C GLU A 29 -6.19 5.13 6.51
N SER A 30 -6.96 4.12 6.08
CA SER A 30 -6.74 3.55 4.75
C SER A 30 -7.41 4.34 3.64
N LEU A 31 -8.28 5.30 3.96
CA LEU A 31 -9.06 5.96 2.91
C LEU A 31 -8.21 6.63 1.85
N PRO A 32 -7.13 7.35 2.18
CA PRO A 32 -6.29 7.94 1.13
C PRO A 32 -5.55 6.91 0.28
N PHE A 33 -5.60 5.64 0.66
CA PHE A 33 -4.83 4.59 0.01
C PHE A 33 -5.69 3.61 -0.78
N ARG A 34 -7.01 3.79 -0.79
CA ARG A 34 -7.91 2.81 -1.39
C ARG A 34 -8.02 2.94 -2.90
N GLN A 35 -7.51 4.02 -3.49
CA GLN A 35 -7.57 4.25 -4.93
C GLN A 35 -6.31 4.98 -5.34
N PRO A 36 -5.92 4.90 -6.60
CA PRO A 36 -4.71 5.61 -7.03
C PRO A 36 -4.82 7.10 -6.75
N VAL A 37 -3.70 7.71 -6.36
CA VAL A 37 -3.65 9.16 -6.19
C VAL A 37 -3.99 9.82 -7.53
N ASP A 38 -4.98 10.71 -7.52
CA ASP A 38 -5.35 11.54 -8.66
C ASP A 38 -4.79 12.93 -8.38
N PRO A 39 -3.69 13.33 -9.02
CA PRO A 39 -3.07 14.62 -8.66
C PRO A 39 -3.93 15.83 -8.94
N GLN A 40 -4.79 15.77 -9.96
CA GLN A 40 -5.68 16.89 -10.25
C GLN A 40 -6.72 17.05 -9.15
N LEU A 41 -7.38 15.95 -8.79
CA LEU A 41 -8.40 15.99 -7.75
C LEU A 41 -7.81 16.50 -6.43
N LEU A 42 -6.59 16.08 -6.09
CA LEU A 42 -6.01 16.40 -4.79
C LEU A 42 -5.19 17.69 -4.81
N GLY A 43 -5.10 18.37 -5.95
CA GLY A 43 -4.40 19.64 -5.99
C GLY A 43 -2.90 19.51 -5.79
N ILE A 44 -2.30 18.43 -6.29
CA ILE A 44 -0.88 18.17 -6.10
C ILE A 44 -0.22 17.95 -7.46
N PRO A 45 -0.05 19.01 -8.26
CA PRO A 45 0.33 18.82 -9.67
C PRO A 45 1.72 18.25 -9.89
N ASP A 46 2.61 18.28 -8.90
CA ASP A 46 3.94 17.72 -9.02
C ASP A 46 4.01 16.26 -8.60
N TYR A 47 2.88 15.62 -8.30
CA TYR A 47 2.90 14.29 -7.70
C TYR A 47 3.72 13.30 -8.53
N PHE A 48 3.43 13.23 -9.83
CA PHE A 48 4.10 12.25 -10.69
C PHE A 48 5.56 12.63 -10.99
N ASP A 49 5.98 13.87 -10.71
CA ASP A 49 7.40 14.19 -10.80
C ASP A 49 8.16 13.52 -9.66
N ILE A 50 7.52 13.40 -8.50
CA ILE A 50 8.14 12.86 -7.30
C ILE A 50 7.94 11.35 -7.21
N VAL A 51 6.74 10.88 -7.54
CA VAL A 51 6.38 9.48 -7.42
C VAL A 51 6.40 8.87 -8.82
N LYS A 52 7.43 8.10 -9.11
CA LYS A 52 7.62 7.50 -10.44
C LYS A 52 6.85 6.20 -10.61
N ASN A 53 6.56 5.50 -9.53
CA ASN A 53 5.91 4.19 -9.59
C ASN A 53 4.79 4.16 -8.58
N PRO A 54 3.62 4.72 -8.94
CA PRO A 54 2.51 4.77 -7.99
C PRO A 54 2.02 3.38 -7.60
N MET A 55 1.50 3.28 -6.38
CA MET A 55 0.90 2.03 -5.91
C MET A 55 -0.15 2.35 -4.87
N ASP A 56 -1.19 1.52 -4.79
CA ASP A 56 -2.26 1.72 -3.83
C ASP A 56 -2.94 0.40 -3.54
N LEU A 57 -3.87 0.42 -2.60
CA LEU A 57 -4.53 -0.82 -2.14
C LEU A 57 -5.28 -1.51 -3.26
N SER A 58 -5.98 -0.74 -4.10
CA SER A 58 -6.78 -1.37 -5.15
C SER A 58 -5.90 -2.07 -6.19
N THR A 59 -4.73 -1.51 -6.47
CA THR A 59 -3.82 -2.15 -7.42
C THR A 59 -3.20 -3.40 -6.82
N ILE A 60 -2.77 -3.33 -5.55
CA ILE A 60 -2.25 -4.51 -4.87
C ILE A 60 -3.30 -5.61 -4.83
N LYS A 61 -4.55 -5.24 -4.52
CA LYS A 61 -5.61 -6.24 -4.46
C LYS A 61 -5.83 -6.90 -5.83
N ARG A 62 -5.82 -6.10 -6.90
CA ARG A 62 -6.01 -6.68 -8.23
CA ARG A 62 -6.00 -6.67 -8.23
C ARG A 62 -4.87 -7.62 -8.57
N LYS A 63 -3.63 -7.24 -8.23
CA LYS A 63 -2.50 -8.11 -8.54
C LYS A 63 -2.58 -9.41 -7.75
N LEU A 64 -2.98 -9.34 -6.47
CA LEU A 64 -3.08 -10.55 -5.68
C LEU A 64 -4.22 -11.43 -6.18
N ASP A 65 -5.38 -10.84 -6.47
CA ASP A 65 -6.51 -11.62 -6.94
C ASP A 65 -6.21 -12.29 -8.29
N THR A 66 -5.54 -11.57 -9.19
CA THR A 66 -5.28 -12.12 -10.52
C THR A 66 -4.02 -12.97 -10.58
N GLY A 67 -3.35 -13.22 -9.45
CA GLY A 67 -2.23 -14.14 -9.42
C GLY A 67 -0.94 -13.60 -9.98
N GLN A 68 -0.68 -12.30 -9.85
CA GLN A 68 0.50 -11.70 -10.44
C GLN A 68 1.73 -11.77 -9.55
N TYR A 69 1.59 -12.14 -8.29
CA TYR A 69 2.74 -12.34 -7.42
C TYR A 69 3.12 -13.81 -7.45
N GLN A 70 4.36 -14.09 -7.87
CA GLN A 70 4.84 -15.47 -7.82
C GLN A 70 5.42 -15.82 -6.46
N GLU A 71 5.91 -14.83 -5.71
N GLU A 71 5.94 -14.83 -5.73
CA GLU A 71 6.57 -15.06 -4.45
CA GLU A 71 6.58 -15.01 -4.45
C GLU A 71 6.13 -13.99 -3.44
C GLU A 71 6.00 -14.01 -3.45
N PRO A 72 5.98 -14.36 -2.17
CA PRO A 72 5.46 -13.41 -1.18
C PRO A 72 6.22 -12.09 -1.11
N TRP A 73 7.55 -12.09 -1.32
CA TRP A 73 8.30 -10.84 -1.23
C TRP A 73 7.88 -9.82 -2.28
N GLN A 74 7.29 -10.28 -3.40
CA GLN A 74 6.82 -9.32 -4.40
C GLN A 74 5.61 -8.56 -3.91
N TYR A 75 4.71 -9.23 -3.20
CA TYR A 75 3.58 -8.56 -2.58
C TYR A 75 4.04 -7.59 -1.51
N VAL A 76 4.94 -8.03 -0.64
CA VAL A 76 5.45 -7.16 0.42
C VAL A 76 6.12 -5.93 -0.17
N ASP A 77 6.86 -6.10 -1.28
CA ASP A 77 7.50 -4.96 -1.93
C ASP A 77 6.50 -3.93 -2.42
N ASP A 78 5.36 -4.39 -2.97
CA ASP A 78 4.35 -3.44 -3.44
C ASP A 78 3.71 -2.69 -2.27
N VAL A 79 3.48 -3.36 -1.15
CA VAL A 79 2.91 -2.68 0.01
C VAL A 79 3.87 -1.58 0.49
N TRP A 80 5.17 -1.91 0.60
CA TRP A 80 6.14 -0.92 1.03
C TRP A 80 6.35 0.18 0.00
N LEU A 81 6.16 -0.11 -1.30
CA LEU A 81 6.23 0.94 -2.31
C LEU A 81 5.10 1.95 -2.09
N MET A 82 3.89 1.45 -1.85
CA MET A 82 2.75 2.30 -1.54
C MET A 82 3.07 3.19 -0.34
N PHE A 83 3.59 2.61 0.74
CA PHE A 83 3.89 3.41 1.93
C PHE A 83 4.98 4.42 1.63
N ASN A 84 6.05 3.98 0.95
CA ASN A 84 7.17 4.88 0.73
C ASN A 84 6.79 6.05 -0.14
N ASN A 85 5.95 5.82 -1.16
CA ASN A 85 5.49 6.91 -2.00
C ASN A 85 4.82 8.00 -1.18
N ALA A 86 4.00 7.59 -0.20
CA ALA A 86 3.27 8.55 0.62
C ALA A 86 4.18 9.26 1.60
N TRP A 87 5.14 8.55 2.18
CA TRP A 87 6.11 9.20 3.06
C TRP A 87 6.99 10.17 2.27
N LEU A 88 7.31 9.82 1.03
CA LEU A 88 8.13 10.68 0.19
C LEU A 88 7.38 11.95 -0.21
N TYR A 89 6.16 11.79 -0.73
CA TYR A 89 5.47 12.96 -1.27
C TYR A 89 4.98 13.91 -0.18
N ASN A 90 4.35 13.38 0.86
CA ASN A 90 3.68 14.19 1.85
C ASN A 90 4.65 14.64 2.95
N ARG A 91 4.34 15.75 3.58
CA ARG A 91 5.17 16.25 4.68
C ARG A 91 4.94 15.40 5.94
N LYS A 92 5.98 15.34 6.79
CA LYS A 92 5.88 14.49 7.98
C LYS A 92 4.79 14.93 8.95
N THR A 93 4.37 16.20 8.88
CA THR A 93 3.31 16.72 9.72
C THR A 93 1.92 16.50 9.13
N SER A 94 1.82 15.98 7.92
CA SER A 94 0.55 15.89 7.23
C SER A 94 -0.29 14.69 7.68
N ARG A 95 -1.60 14.83 7.49
CA ARG A 95 -2.53 13.78 7.84
C ARG A 95 -2.23 12.48 7.09
N VAL A 96 -1.96 12.57 5.78
CA VAL A 96 -1.74 11.35 5.01
C VAL A 96 -0.43 10.67 5.42
N TYR A 97 0.61 11.45 5.72
CA TYR A 97 1.86 10.86 6.21
C TYR A 97 1.63 10.11 7.50
N LYS A 98 0.89 10.71 8.44
CA LYS A 98 0.63 10.04 9.70
C LYS A 98 -0.26 8.80 9.51
N PHE A 99 -1.23 8.88 8.60
CA PHE A 99 -2.01 7.70 8.27
C PHE A 99 -1.13 6.60 7.72
N CYS A 100 -0.20 6.96 6.84
CA CYS A 100 0.73 5.99 6.28
C CYS A 100 1.49 5.27 7.38
N SER A 101 1.98 6.02 8.37
CA SER A 101 2.73 5.40 9.46
C SER A 101 1.88 4.43 10.26
N LYS A 102 0.60 4.77 10.48
CA LYS A 102 -0.30 3.85 11.16
C LYS A 102 -0.50 2.57 10.36
N LEU A 103 -0.74 2.71 9.06
CA LEU A 103 -0.93 1.52 8.23
C LEU A 103 0.34 0.67 8.22
N ALA A 104 1.51 1.29 8.21
CA ALA A 104 2.75 0.52 8.17
C ALA A 104 2.93 -0.27 9.47
N GLU A 105 2.56 0.33 10.60
CA GLU A 105 2.62 -0.39 11.87
C GLU A 105 1.68 -1.60 11.87
N VAL A 106 0.44 -1.40 11.41
CA VAL A 106 -0.50 -2.51 11.28
C VAL A 106 0.06 -3.59 10.35
N PHE A 107 0.60 -3.17 9.20
CA PHE A 107 1.10 -4.15 8.24
C PHE A 107 2.24 -4.97 8.83
N GLU A 108 3.19 -4.32 9.50
CA GLU A 108 4.33 -5.03 10.07
C GLU A 108 3.87 -6.11 11.04
N GLN A 109 2.89 -5.79 11.89
CA GLN A 109 2.38 -6.77 12.85
C GLN A 109 1.66 -7.93 12.16
N GLU A 110 0.99 -7.66 11.03
CA GLU A 110 0.27 -8.72 10.34
C GLU A 110 1.19 -9.57 9.48
N ILE A 111 2.15 -8.94 8.79
CA ILE A 111 2.93 -9.65 7.79
C ILE A 111 3.99 -10.53 8.42
N ASP A 112 4.52 -10.13 9.57
CA ASP A 112 5.63 -10.87 10.18
C ASP A 112 5.25 -12.31 10.53
N PRO A 113 4.15 -12.59 11.24
CA PRO A 113 3.79 -14.00 11.49
C PRO A 113 3.47 -14.78 10.22
N VAL A 114 2.86 -14.13 9.23
CA VAL A 114 2.54 -14.80 7.97
C VAL A 114 3.81 -15.25 7.27
N MET A 115 4.81 -14.37 7.19
CA MET A 115 6.04 -14.71 6.50
C MET A 115 6.83 -15.78 7.24
N GLN A 116 6.72 -15.84 8.57
CA GLN A 116 7.36 -16.92 9.31
C GLN A 116 6.76 -18.27 8.96
N SER A 117 5.47 -18.31 8.62
CA SER A 117 4.80 -19.55 8.31
C SER A 117 4.97 -19.98 6.85
N LEU A 118 5.54 -19.12 6.01
CA LEU A 118 5.74 -19.45 4.61
C LEU A 118 7.19 -19.86 4.35
N ARG B 9 8.93 20.38 -1.21
CA ARG B 9 7.48 20.20 -1.32
C ARG B 9 6.72 21.52 -1.24
N ARG B 10 5.94 21.81 -2.28
CA ARG B 10 5.08 22.98 -2.31
C ARG B 10 3.67 22.66 -1.85
N TYR B 11 3.14 21.51 -2.27
CA TYR B 11 1.72 21.23 -2.20
C TYR B 11 1.42 20.17 -1.13
N GLN B 12 0.29 20.35 -0.47
CA GLN B 12 -0.30 19.38 0.44
C GLN B 12 -1.55 18.87 -0.23
OH ALY B 13 0.08 10.26 -0.99
CH ALY B 13 -1.13 9.97 -0.98
CH3 ALY B 13 -1.61 8.55 -0.74
NZ ALY B 13 -2.10 10.93 -1.19
CE ALY B 13 -1.82 12.32 -1.44
CD ALY B 13 -2.59 13.27 -0.51
CG ALY B 13 -2.41 14.70 -0.96
CB ALY B 13 -3.38 15.58 -0.20
CA ALY B 13 -3.14 17.06 -0.53
N ALY B 13 -1.88 17.59 -0.04
C ALY B 13 -4.31 17.83 0.06
O ALY B 13 -4.40 18.12 1.25
N SER B 14 -5.26 18.17 -0.81
CA SER B 14 -6.47 18.85 -0.38
C SER B 14 -7.72 18.19 -0.97
#